data_7OYJ
#
_entry.id   7OYJ
#
_cell.length_a   113.507
_cell.length_b   61.294
_cell.length_c   80.224
_cell.angle_alpha   90.000
_cell.angle_beta   111.220
_cell.angle_gamma   90.000
#
_symmetry.space_group_name_H-M   'C 1 2 1'
#
loop_
_entity.id
_entity.type
_entity.pdbx_description
1 polymer 'Transcriptional enhancer factor TEF-4'
2 non-polymer 'PALMITIC ACID'
3 non-polymer 3-(1~{H}-pyrazol-5-yl)aniline
4 water water
#
_entity_poly.entity_id   1
_entity_poly.type   'polypeptide(L)'
_entity_poly.pdbx_seq_one_letter_code
;MAWQARGLGTARLQLVEFSAFVEPPDAVDSYQRHLFVHISQHCPSPGAPPLESVDVRQIYDKFPEKKGGLRELYDRGPPH
AFFLVKFWADLNWGPSGEEAGAGGSISSGGFYGVSSQYESLEHMTLTCSSKVCSFGKQVVEKVETERAQLEDGRFVYRLL
RSPMCEYLVNFLHKLRQLPERYMMNSVLENFTILQVVTNRDTQELLLCTAYVFEVSTSERGAQHHIYRLVRDVEHHHHHH
;
_entity_poly.pdbx_strand_id   A,B
#
# COMPACT_ATOMS: atom_id res chain seq x y z
N ARG A 6 25.09 6.15 18.29
CA ARG A 6 24.33 6.08 17.04
C ARG A 6 23.66 4.72 16.78
N GLY A 7 22.34 4.75 16.79
CA GLY A 7 21.55 3.67 16.24
C GLY A 7 20.64 4.24 15.17
N LEU A 8 19.77 3.39 14.65
CA LEU A 8 18.70 3.88 13.79
C LEU A 8 17.67 4.55 14.68
N GLY A 9 17.75 5.87 14.82
CA GLY A 9 16.85 6.55 15.73
C GLY A 9 17.17 8.01 15.90
N THR A 10 16.22 8.76 16.41
CA THR A 10 16.44 10.13 16.84
C THR A 10 16.19 10.19 18.35
N ALA A 11 16.34 11.37 18.90
CA ALA A 11 15.93 11.57 20.29
C ALA A 11 14.45 11.27 20.51
N ARG A 12 13.64 11.26 19.44
CA ARG A 12 12.20 11.16 19.59
C ARG A 12 11.68 9.76 19.38
N LEU A 13 12.36 8.95 18.57
CA LEU A 13 11.88 7.61 18.28
C LEU A 13 13.06 6.76 17.83
N GLN A 14 13.11 5.53 18.30
CA GLN A 14 14.22 4.66 17.97
C GLN A 14 13.69 3.32 17.51
N LEU A 15 14.27 2.79 16.44
CA LEU A 15 14.00 1.41 16.05
C LEU A 15 14.62 0.44 17.05
N VAL A 16 13.83 -0.50 17.55
CA VAL A 16 14.30 -1.50 18.49
C VAL A 16 14.62 -2.82 17.77
N GLU A 17 13.71 -3.28 16.93
CA GLU A 17 13.87 -4.56 16.25
C GLU A 17 13.11 -4.49 14.94
N PHE A 18 13.66 -5.12 13.90
CA PHE A 18 12.95 -5.21 12.64
C PHE A 18 13.33 -6.54 12.02
N SER A 19 12.34 -7.27 11.54
CA SER A 19 12.66 -8.52 10.87
C SER A 19 11.63 -8.82 9.81
N ALA A 20 12.07 -9.53 8.76
CA ALA A 20 11.19 -10.06 7.77
C ALA A 20 11.48 -11.55 7.73
N PHE A 21 10.44 -12.38 7.72
CA PHE A 21 10.65 -13.77 8.04
C PHE A 21 9.64 -14.63 7.32
N VAL A 22 9.90 -15.94 7.32
CA VAL A 22 8.91 -16.91 6.91
C VAL A 22 8.90 -18.04 7.93
N GLU A 23 7.70 -18.49 8.28
CA GLU A 23 7.45 -19.54 9.24
C GLU A 23 6.79 -20.71 8.55
N PRO A 24 7.16 -21.94 8.90
CA PRO A 24 6.52 -23.11 8.30
C PRO A 24 5.04 -23.14 8.61
N PRO A 25 4.23 -23.84 7.81
CA PRO A 25 2.79 -23.99 8.05
C PRO A 25 2.48 -24.70 9.36
N GLN A 32 11.30 -23.11 12.87
CA GLN A 32 10.42 -22.19 13.60
C GLN A 32 10.26 -20.85 12.86
N ARG A 33 11.39 -20.20 12.56
CA ARG A 33 11.39 -19.02 11.71
C ARG A 33 12.66 -19.01 10.87
N HIS A 34 12.54 -18.60 9.63
CA HIS A 34 13.69 -18.18 8.83
C HIS A 34 13.63 -16.66 8.70
N LEU A 35 14.70 -15.99 9.10
CA LEU A 35 14.80 -14.53 8.98
C LEU A 35 15.49 -14.16 7.68
N PHE A 36 14.78 -13.46 6.78
CA PHE A 36 15.46 -12.98 5.58
C PHE A 36 16.43 -11.86 5.91
N VAL A 37 16.00 -10.95 6.80
CA VAL A 37 16.79 -9.83 7.29
C VAL A 37 16.35 -9.56 8.73
N HIS A 38 17.26 -9.00 9.52
CA HIS A 38 16.98 -8.82 10.94
C HIS A 38 17.85 -7.70 11.48
N ILE A 39 17.24 -6.77 12.21
CA ILE A 39 17.94 -5.74 12.97
C ILE A 39 17.49 -5.86 14.41
N SER A 40 18.43 -6.04 15.33
CA SER A 40 18.12 -5.99 16.76
C SER A 40 18.96 -4.90 17.39
N GLN A 41 18.32 -3.96 18.08
CA GLN A 41 19.04 -2.82 18.66
C GLN A 41 18.83 -2.53 20.17
N PRO A 49 29.84 2.26 18.54
CA PRO A 49 30.49 3.29 17.73
C PRO A 49 29.48 4.12 16.94
N PRO A 50 29.87 5.31 16.49
CA PRO A 50 28.96 6.13 15.69
C PRO A 50 28.78 5.57 14.29
N LEU A 51 27.63 5.91 13.70
CA LEU A 51 27.28 5.45 12.37
C LEU A 51 28.07 6.20 11.31
N GLU A 52 28.47 5.48 10.26
CA GLU A 52 29.03 6.13 9.09
C GLU A 52 27.94 6.84 8.30
N SER A 53 28.35 7.70 7.38
CA SER A 53 27.40 8.49 6.61
C SER A 53 27.45 8.11 5.14
N VAL A 54 26.31 8.26 4.47
CA VAL A 54 26.20 8.11 3.03
C VAL A 54 25.50 9.34 2.50
N ASP A 55 26.07 9.93 1.46
CA ASP A 55 25.46 11.12 0.88
C ASP A 55 24.24 10.71 0.08
N VAL A 56 23.10 11.37 0.34
CA VAL A 56 21.83 10.97 -0.27
C VAL A 56 21.90 11.04 -1.79
N ARG A 57 22.75 11.93 -2.33
CA ARG A 57 22.93 11.99 -3.78
C ARG A 57 23.44 10.66 -4.33
N GLN A 58 24.21 9.92 -3.52
CA GLN A 58 24.74 8.62 -3.92
C GLN A 58 23.62 7.64 -4.28
N ILE A 59 22.45 7.77 -3.66
CA ILE A 59 21.36 6.83 -3.87
C ILE A 59 20.13 7.50 -4.45
N TYR A 60 20.24 8.74 -4.90
CA TYR A 60 19.12 9.42 -5.53
C TYR A 60 18.61 8.64 -6.74
N ASP A 61 19.53 8.05 -7.50
CA ASP A 61 19.22 7.24 -8.68
C ASP A 61 18.74 5.85 -8.34
N LYS A 62 18.33 5.60 -7.09
CA LYS A 62 17.75 4.34 -6.70
C LYS A 62 16.36 4.49 -6.11
N PHE A 63 15.79 5.69 -6.11
CA PHE A 63 14.51 5.97 -5.48
C PHE A 63 13.70 6.91 -6.36
N PRO A 64 12.37 6.84 -6.29
CA PRO A 64 11.54 7.71 -7.11
C PRO A 64 11.87 9.19 -6.91
N GLU A 65 12.14 9.87 -8.02
CA GLU A 65 12.19 11.32 -8.05
C GLU A 65 10.81 11.93 -8.04
N LYS A 66 9.79 11.13 -7.72
CA LYS A 66 8.41 11.53 -7.78
C LYS A 66 7.94 12.10 -6.44
N LYS A 67 6.69 12.55 -6.42
CA LYS A 67 6.12 13.12 -5.20
C LYS A 67 6.16 12.10 -4.07
N GLY A 68 6.59 12.57 -2.89
CA GLY A 68 6.70 11.73 -1.72
C GLY A 68 7.92 10.83 -1.67
N GLY A 69 8.78 10.88 -2.68
CA GLY A 69 9.96 10.04 -2.73
C GLY A 69 11.06 10.53 -1.80
N LEU A 70 12.26 9.98 -1.99
CA LEU A 70 13.34 10.25 -1.06
C LEU A 70 13.83 11.69 -1.17
N ARG A 71 13.99 12.20 -2.39
CA ARG A 71 14.51 13.55 -2.56
C ARG A 71 13.54 14.60 -2.02
N GLU A 72 12.25 14.46 -2.35
CA GLU A 72 11.27 15.43 -1.86
C GLU A 72 11.21 15.42 -0.33
N LEU A 73 11.26 14.23 0.28
CA LEU A 73 11.22 14.14 1.74
C LEU A 73 12.46 14.74 2.38
N TYR A 74 13.64 14.40 1.86
CA TYR A 74 14.86 14.91 2.46
C TYR A 74 14.92 16.44 2.35
N ASP A 75 14.41 17.00 1.26
CA ASP A 75 14.34 18.45 1.14
C ASP A 75 13.58 19.08 2.30
N ARG A 76 12.43 18.50 2.65
CA ARG A 76 11.66 19.04 3.77
C ARG A 76 12.28 18.74 5.12
N GLY A 77 13.17 17.75 5.22
CA GLY A 77 13.82 17.43 6.45
C GLY A 77 12.88 16.86 7.50
N PRO A 78 13.35 16.73 8.74
CA PRO A 78 14.69 17.10 9.21
C PRO A 78 15.75 16.06 8.86
N PRO A 79 16.97 16.50 8.53
CA PRO A 79 17.97 15.57 7.96
C PRO A 79 18.45 14.49 8.91
N HIS A 80 18.49 14.74 10.22
CA HIS A 80 18.93 13.72 11.16
C HIS A 80 17.88 12.61 11.34
N ALA A 81 16.71 12.70 10.72
CA ALA A 81 15.73 11.63 10.74
C ALA A 81 15.98 10.57 9.65
N PHE A 82 17.01 10.73 8.82
CA PHE A 82 17.11 9.96 7.58
C PHE A 82 18.27 8.98 7.66
N PHE A 83 17.98 7.71 7.33
CA PHE A 83 18.95 6.63 7.47
C PHE A 83 18.90 5.74 6.24
N LEU A 84 20.01 5.05 6.00
CA LEU A 84 20.10 4.06 4.94
C LEU A 84 20.50 2.74 5.56
N VAL A 85 19.77 1.67 5.24
CA VAL A 85 20.10 0.33 5.70
C VAL A 85 20.46 -0.49 4.48
N LYS A 86 21.66 -1.05 4.44
CA LYS A 86 22.04 -2.01 3.42
C LYS A 86 21.90 -3.41 4.03
N PHE A 87 21.04 -4.25 3.44
CA PHE A 87 20.82 -5.63 3.88
C PHE A 87 21.51 -6.63 2.96
N TRP A 88 22.13 -7.65 3.56
CA TRP A 88 22.53 -8.84 2.82
C TRP A 88 21.57 -9.93 3.30
N ALA A 89 20.61 -10.27 2.45
CA ALA A 89 19.51 -11.12 2.85
C ALA A 89 19.88 -12.58 2.74
N ASP A 90 19.34 -13.37 3.66
CA ASP A 90 19.46 -14.82 3.62
C ASP A 90 18.25 -15.38 2.89
N LEU A 91 18.44 -15.88 1.67
CA LEU A 91 17.35 -16.40 0.86
C LEU A 91 17.34 -17.92 0.78
N ASN A 92 18.00 -18.63 1.69
CA ASN A 92 18.07 -20.09 1.58
C ASN A 92 17.30 -20.69 2.77
N TRP A 93 16.08 -21.15 2.48
CA TRP A 93 15.19 -21.70 3.50
C TRP A 93 14.42 -22.90 2.95
N SER A 108 5.44 -22.63 -1.70
CA SER A 108 5.30 -23.84 -0.90
C SER A 108 4.68 -23.58 0.47
N GLY A 109 3.77 -22.59 0.54
CA GLY A 109 3.05 -22.29 1.77
C GLY A 109 3.88 -21.52 2.77
N GLY A 110 3.31 -21.33 3.95
CA GLY A 110 3.99 -20.65 5.04
C GLY A 110 3.52 -19.22 5.21
N PHE A 111 3.72 -18.70 6.41
CA PHE A 111 3.35 -17.33 6.71
C PHE A 111 4.55 -16.42 6.47
N TYR A 112 4.39 -15.45 5.59
CA TYR A 112 5.40 -14.42 5.34
C TYR A 112 5.00 -13.19 6.13
N GLY A 113 5.89 -12.76 7.02
CA GLY A 113 5.58 -11.67 7.93
C GLY A 113 6.73 -10.71 8.08
N VAL A 114 6.38 -9.50 8.54
CA VAL A 114 7.33 -8.47 8.91
C VAL A 114 6.94 -7.99 10.31
N SER A 115 7.93 -7.78 11.16
CA SER A 115 7.74 -7.37 12.54
C SER A 115 8.65 -6.17 12.79
N SER A 116 8.12 -5.15 13.44
CA SER A 116 8.93 -3.99 13.76
C SER A 116 8.52 -3.47 15.13
N GLN A 117 9.50 -2.91 15.82
CA GLN A 117 9.26 -2.37 17.16
C GLN A 117 10.06 -1.07 17.29
N TYR A 118 9.38 -0.02 17.75
CA TYR A 118 10.00 1.25 18.03
C TYR A 118 9.75 1.58 19.50
N GLU A 119 10.50 2.54 20.01
CA GLU A 119 10.34 2.98 21.39
C GLU A 119 10.58 4.48 21.45
N SER A 120 9.96 5.13 22.45
CA SER A 120 10.11 6.56 22.61
C SER A 120 9.90 6.87 24.08
N LEU A 121 10.32 8.06 24.48
CA LEU A 121 9.97 8.54 25.81
C LEU A 121 8.67 9.31 25.83
N GLU A 122 8.11 9.66 24.67
CA GLU A 122 6.89 10.43 24.68
C GLU A 122 5.77 9.60 24.07
N HIS A 123 4.57 9.83 24.55
CA HIS A 123 3.38 9.10 24.10
C HIS A 123 2.90 9.66 22.76
N MET A 124 2.91 8.82 21.72
CA MET A 124 2.50 9.23 20.38
C MET A 124 1.67 8.13 19.75
N THR A 125 1.00 8.48 18.66
CA THR A 125 0.48 7.50 17.70
C THR A 125 1.30 7.65 16.43
N LEU A 126 1.80 6.53 15.90
CA LEU A 126 2.66 6.51 14.72
C LEU A 126 1.86 6.09 13.50
N THR A 127 2.14 6.72 12.38
CA THR A 127 1.76 6.23 11.05
C THR A 127 3.04 5.71 10.41
N CYS A 128 3.04 4.44 9.98
CA CYS A 128 4.21 3.87 9.34
CA CYS A 128 4.21 3.86 9.33
C CYS A 128 3.83 3.55 7.89
N SER A 129 4.55 4.14 6.96
CA SER A 129 4.31 3.92 5.54
C SER A 129 5.51 3.15 5.02
N SER A 130 5.24 2.09 4.28
CA SER A 130 6.28 1.28 3.66
C SER A 130 6.04 1.28 2.16
N LYS A 131 7.03 1.70 1.39
CA LYS A 131 6.87 1.87 -0.04
C LYS A 131 7.90 0.97 -0.71
N VAL A 132 7.43 0.03 -1.52
CA VAL A 132 8.32 -0.86 -2.25
C VAL A 132 8.50 -0.29 -3.63
N CYS A 133 9.75 -0.19 -4.08
CA CYS A 133 10.06 0.36 -5.39
C CYS A 133 10.81 -0.67 -6.21
N SER A 134 10.44 -0.73 -7.49
CA SER A 134 11.10 -1.60 -8.43
C SER A 134 11.35 -0.76 -9.68
N PHE A 135 12.61 -0.67 -10.11
CA PHE A 135 13.00 0.22 -11.19
C PHE A 135 12.47 1.64 -10.96
N GLY A 136 12.72 2.17 -9.77
CA GLY A 136 12.36 3.54 -9.47
C GLY A 136 10.88 3.76 -9.15
N LYS A 137 9.99 3.10 -9.90
CA LYS A 137 8.56 3.29 -9.69
C LYS A 137 8.08 2.57 -8.43
N GLN A 138 7.13 3.18 -7.75
CA GLN A 138 6.58 2.59 -6.55
C GLN A 138 5.58 1.51 -6.94
N VAL A 139 5.79 0.27 -6.48
CA VAL A 139 4.85 -0.79 -6.79
C VAL A 139 3.99 -1.18 -5.59
N VAL A 140 4.40 -0.87 -4.36
CA VAL A 140 3.57 -1.13 -3.18
C VAL A 140 3.62 0.06 -2.22
N GLU A 141 2.48 0.39 -1.62
CA GLU A 141 2.47 1.22 -0.42
C GLU A 141 1.62 0.54 0.66
N LYS A 142 2.21 0.40 1.84
CA LYS A 142 1.57 -0.23 2.99
C LYS A 142 1.60 0.80 4.12
N VAL A 143 0.44 1.12 4.68
CA VAL A 143 0.27 2.14 5.72
C VAL A 143 -0.36 1.47 6.93
N GLU A 144 0.35 1.53 8.07
CA GLU A 144 -0.17 1.01 9.33
C GLU A 144 -0.05 2.09 10.41
N THR A 145 -0.93 1.98 11.40
CA THR A 145 -0.99 2.90 12.53
C THR A 145 -0.79 2.13 13.82
N GLU A 146 0.02 2.68 14.73
CA GLU A 146 0.30 2.03 16.01
C GLU A 146 0.35 3.05 17.14
N ARG A 147 -0.47 2.81 18.16
CA ARG A 147 -0.51 3.64 19.37
C ARG A 147 0.54 3.19 20.38
N ALA A 148 1.13 4.15 21.08
CA ALA A 148 2.10 3.84 22.13
C ALA A 148 1.51 2.91 23.18
N GLN A 149 2.36 2.03 23.71
CA GLN A 149 2.03 1.18 24.84
C GLN A 149 3.11 1.36 25.88
N LEU A 150 2.71 1.67 27.11
CA LEU A 150 3.65 1.86 28.21
C LEU A 150 4.26 0.52 28.60
N GLU A 151 5.59 0.45 28.68
CA GLU A 151 6.25 -0.77 29.11
C GLU A 151 7.63 -0.45 29.66
N ASP A 152 7.87 -0.80 30.92
CA ASP A 152 9.20 -0.63 31.54
C ASP A 152 9.65 0.83 31.46
N GLY A 153 8.78 1.73 31.87
CA GLY A 153 9.10 3.15 31.93
C GLY A 153 9.33 3.84 30.59
N ARG A 154 8.90 3.23 29.48
CA ARG A 154 8.98 3.91 28.19
C ARG A 154 7.80 3.45 27.33
N PHE A 155 7.67 4.06 26.15
CA PHE A 155 6.59 3.72 25.26
C PHE A 155 7.12 2.86 24.14
N VAL A 156 6.44 1.75 23.87
CA VAL A 156 6.82 0.87 22.77
C VAL A 156 5.72 0.88 21.72
N TYR A 157 6.11 0.58 20.49
CA TYR A 157 5.22 0.61 19.34
C TYR A 157 5.51 -0.68 18.59
N ARG A 158 4.58 -1.64 18.65
CA ARG A 158 4.80 -2.99 18.16
C ARG A 158 3.90 -3.26 16.96
N LEU A 159 4.50 -3.48 15.81
CA LEU A 159 3.76 -3.87 14.62
C LEU A 159 4.27 -5.25 14.29
N LEU A 160 3.70 -6.25 14.94
CA LEU A 160 4.24 -7.61 14.84
C LEU A 160 3.44 -8.44 13.86
N ARG A 161 4.15 -9.31 13.15
CA ARG A 161 3.54 -10.29 12.24
C ARG A 161 2.59 -9.63 11.26
N SER A 162 2.97 -8.46 10.77
CA SER A 162 2.25 -7.87 9.66
C SER A 162 2.45 -8.77 8.44
N PRO A 163 1.38 -9.23 7.79
CA PRO A 163 1.57 -10.08 6.60
C PRO A 163 2.27 -9.32 5.50
N MET A 164 3.21 -10.01 4.85
CA MET A 164 3.95 -9.43 3.76
C MET A 164 3.02 -9.22 2.57
N CYS A 165 3.14 -8.06 1.92
CA CYS A 165 2.37 -7.86 0.68
C CYS A 165 2.64 -8.99 -0.29
N GLU A 166 1.59 -9.35 -1.03
CA GLU A 166 1.68 -10.43 -2.01
C GLU A 166 2.76 -10.16 -3.04
N TYR A 167 2.97 -8.89 -3.40
CA TYR A 167 4.01 -8.57 -4.37
C TYR A 167 5.35 -9.15 -3.90
N LEU A 168 5.66 -9.02 -2.61
CA LEU A 168 6.96 -9.43 -2.08
C LEU A 168 7.08 -10.93 -1.92
N VAL A 169 6.00 -11.60 -1.48
CA VAL A 169 6.01 -13.06 -1.39
C VAL A 169 6.26 -13.68 -2.75
N ASN A 170 5.62 -13.15 -3.79
CA ASN A 170 5.82 -13.69 -5.13
C ASN A 170 7.24 -13.40 -5.62
N PHE A 171 7.74 -12.19 -5.32
CA PHE A 171 9.09 -11.79 -5.72
C PHE A 171 10.15 -12.67 -5.07
N LEU A 172 10.00 -12.93 -3.77
CA LEU A 172 10.92 -13.82 -3.05
C LEU A 172 10.91 -15.22 -3.65
N HIS A 173 9.72 -15.71 -4.04
CA HIS A 173 9.61 -17.02 -4.63
C HIS A 173 10.40 -17.09 -5.94
N LYS A 174 10.29 -16.06 -6.78
CA LYS A 174 11.02 -16.03 -8.05
C LYS A 174 12.52 -15.84 -7.82
N LEU A 175 12.87 -14.94 -6.90
CA LEU A 175 14.26 -14.63 -6.63
C LEU A 175 14.98 -15.86 -6.11
N ARG A 176 14.29 -16.64 -5.29
CA ARG A 176 14.86 -17.82 -4.66
C ARG A 176 15.31 -18.84 -5.68
N GLN A 177 14.67 -18.85 -6.86
CA GLN A 177 14.96 -19.85 -7.87
C GLN A 177 16.13 -19.50 -8.74
N LEU A 178 16.64 -18.28 -8.66
CA LEU A 178 17.75 -17.91 -9.52
C LEU A 178 18.95 -18.83 -9.23
N PRO A 179 19.69 -19.23 -10.26
CA PRO A 179 20.74 -20.24 -10.05
C PRO A 179 21.97 -19.72 -9.36
N GLU A 180 22.20 -18.41 -9.37
CA GLU A 180 23.48 -17.84 -8.95
C GLU A 180 23.22 -16.61 -8.11
N ARG A 181 24.01 -16.45 -7.05
CA ARG A 181 23.91 -15.30 -6.18
C ARG A 181 24.12 -13.99 -6.94
N TYR A 182 25.04 -13.97 -7.92
CA TYR A 182 25.24 -12.70 -8.61
C TYR A 182 24.02 -12.32 -9.45
N MET A 183 23.27 -13.30 -9.95
CA MET A 183 22.03 -12.97 -10.66
C MET A 183 20.98 -12.39 -9.71
N MET A 184 20.85 -12.95 -8.51
CA MET A 184 19.98 -12.33 -7.49
C MET A 184 20.39 -10.88 -7.20
N ASN A 185 21.69 -10.63 -7.04
CA ASN A 185 22.15 -9.27 -6.75
C ASN A 185 21.89 -8.32 -7.92
N SER A 186 22.11 -8.80 -9.15
CA SER A 186 21.73 -8.01 -10.31
C SER A 186 20.26 -7.59 -10.23
N VAL A 187 19.37 -8.54 -9.95
CA VAL A 187 17.96 -8.24 -9.94
C VAL A 187 17.65 -7.26 -8.80
N LEU A 188 18.28 -7.45 -7.66
CA LEU A 188 18.02 -6.64 -6.47
C LEU A 188 18.54 -5.20 -6.57
N GLU A 189 19.48 -4.91 -7.47
CA GLU A 189 19.91 -3.53 -7.64
C GLU A 189 18.75 -2.59 -7.96
N ASN A 190 17.64 -3.14 -8.47
CA ASN A 190 16.51 -2.38 -8.94
C ASN A 190 15.38 -2.31 -7.92
N PHE A 191 15.62 -2.79 -6.71
CA PHE A 191 14.57 -3.05 -5.73
C PHE A 191 14.93 -2.30 -4.46
N THR A 192 14.05 -1.42 -4.01
CA THR A 192 14.31 -0.66 -2.79
C THR A 192 13.03 -0.51 -2.01
N ILE A 193 13.19 -0.17 -0.73
CA ILE A 193 12.09 0.07 0.17
C ILE A 193 12.35 1.38 0.88
N LEU A 194 11.28 2.17 1.07
CA LEU A 194 11.39 3.42 1.81
C LEU A 194 10.34 3.35 2.89
N GLN A 195 10.77 3.45 4.15
CA GLN A 195 9.85 3.45 5.29
C GLN A 195 9.82 4.85 5.91
N VAL A 196 8.62 5.35 6.17
CA VAL A 196 8.45 6.71 6.64
C VAL A 196 7.55 6.62 7.86
N VAL A 197 8.07 7.01 9.02
CA VAL A 197 7.31 6.99 10.26
C VAL A 197 7.04 8.43 10.65
N THR A 198 5.79 8.75 10.89
CA THR A 198 5.38 10.10 11.19
C THR A 198 4.56 10.09 12.46
N ASN A 199 4.64 11.19 13.18
CA ASN A 199 3.72 11.42 14.28
C ASN A 199 2.35 11.66 13.70
N ARG A 200 1.42 10.73 13.92
CA ARG A 200 0.12 10.79 13.26
C ARG A 200 -0.64 12.07 13.65
N ASP A 201 -0.50 12.50 14.90
CA ASP A 201 -1.28 13.65 15.36
C ASP A 201 -0.72 14.96 14.84
N THR A 202 0.60 15.05 14.67
CA THR A 202 1.24 16.28 14.26
C THR A 202 1.71 16.27 12.81
N GLN A 203 1.72 15.12 12.15
CA GLN A 203 2.25 14.96 10.80
C GLN A 203 3.76 15.15 10.73
N GLU A 204 4.43 15.34 11.88
CA GLU A 204 5.88 15.48 11.89
C GLU A 204 6.55 14.18 11.46
N LEU A 205 7.56 14.31 10.62
CA LEU A 205 8.38 13.19 10.20
C LEU A 205 9.32 12.78 11.33
N LEU A 206 9.21 11.53 11.76
CA LEU A 206 10.02 11.02 12.87
C LEU A 206 11.24 10.24 12.40
N LEU A 207 11.07 9.42 11.37
CA LEU A 207 12.14 8.55 10.90
C LEU A 207 11.83 8.26 9.45
N CYS A 208 12.87 8.28 8.62
CA CYS A 208 12.74 7.89 7.23
C CYS A 208 13.94 7.01 6.92
N THR A 209 13.68 5.76 6.52
CA THR A 209 14.74 4.77 6.29
C THR A 209 14.64 4.22 4.88
N ALA A 210 15.73 4.30 4.15
CA ALA A 210 15.86 3.72 2.81
C ALA A 210 16.56 2.37 2.95
N TYR A 211 16.02 1.34 2.30
CA TYR A 211 16.58 0.00 2.36
C TYR A 211 17.07 -0.42 0.97
N VAL A 212 18.29 -0.91 0.90
CA VAL A 212 18.81 -1.52 -0.34
C VAL A 212 19.28 -2.94 -0.03
N PHE A 213 19.40 -3.77 -1.09
CA PHE A 213 19.43 -5.19 -0.83
C PHE A 213 20.42 -5.90 -1.74
N GLU A 214 21.16 -6.81 -1.15
CA GLU A 214 21.89 -7.89 -1.83
C GLU A 214 21.54 -9.17 -1.12
N VAL A 215 22.09 -10.28 -1.59
CA VAL A 215 21.88 -11.61 -1.01
CA VAL A 215 21.87 -11.57 -0.98
C VAL A 215 23.19 -12.05 -0.38
N SER A 216 23.11 -12.68 0.77
CA SER A 216 24.27 -13.25 1.42
C SER A 216 24.41 -14.72 1.06
N THR A 217 25.61 -15.26 1.27
CA THR A 217 25.74 -16.71 1.18
C THR A 217 25.11 -17.34 2.43
N SER A 218 24.73 -18.62 2.30
CA SER A 218 24.21 -19.33 3.46
C SER A 218 25.24 -19.41 4.58
N GLU A 219 26.54 -19.43 4.22
CA GLU A 219 27.59 -19.55 5.22
C GLU A 219 27.73 -18.28 6.05
N ARG A 220 27.71 -17.11 5.40
CA ARG A 220 27.84 -15.87 6.16
C ARG A 220 26.57 -15.55 6.95
N GLY A 221 25.40 -15.70 6.33
CA GLY A 221 24.16 -15.34 6.98
C GLY A 221 23.82 -13.86 6.80
N ALA A 222 22.59 -13.52 7.18
CA ALA A 222 22.07 -12.17 6.95
C ALA A 222 22.87 -11.13 7.72
N GLN A 223 23.05 -9.97 7.10
CA GLN A 223 23.86 -8.93 7.72
C GLN A 223 23.24 -7.61 7.31
N HIS A 224 23.54 -6.57 8.07
CA HIS A 224 23.08 -5.25 7.69
C HIS A 224 24.14 -4.23 8.08
N HIS A 225 24.09 -3.08 7.43
N HIS A 225 24.00 -3.04 7.50
CA HIS A 225 24.82 -1.94 7.92
CA HIS A 225 24.91 -1.92 7.75
C HIS A 225 23.93 -0.72 7.80
C HIS A 225 24.07 -0.64 7.69
N ILE A 226 23.96 0.07 8.84
CA ILE A 226 23.11 1.26 8.97
C ILE A 226 23.99 2.47 8.76
N TYR A 227 23.47 3.44 8.03
CA TYR A 227 24.19 4.66 7.71
C TYR A 227 23.28 5.85 7.96
N ARG A 228 23.86 6.95 8.44
CA ARG A 228 23.18 8.23 8.39
C ARG A 228 23.20 8.74 6.96
N LEU A 229 22.06 9.22 6.48
CA LEU A 229 22.00 9.89 5.18
C LEU A 229 22.28 11.38 5.37
N VAL A 230 23.26 11.90 4.63
CA VAL A 230 23.68 13.29 4.74
C VAL A 230 23.66 13.91 3.35
N ARG A 231 23.84 15.24 3.31
CA ARG A 231 23.88 15.96 2.05
C ARG A 231 24.81 17.16 2.18
N ASP A 232 25.21 17.48 3.41
CA ASP A 232 26.15 18.57 3.64
C ASP A 232 27.57 18.07 3.46
N ALA B 5 -28.52 -10.34 -2.22
CA ALA B 5 -27.68 -9.13 -2.22
C ALA B 5 -28.24 -8.05 -3.14
N ARG B 6 -28.52 -6.88 -2.56
CA ARG B 6 -29.14 -5.78 -3.28
C ARG B 6 -28.22 -4.58 -3.47
N GLY B 7 -27.00 -4.62 -2.93
CA GLY B 7 -26.01 -3.60 -3.18
C GLY B 7 -24.64 -4.19 -2.94
N LEU B 8 -23.62 -3.37 -3.16
CA LEU B 8 -22.25 -3.79 -2.91
C LEU B 8 -22.01 -3.91 -1.41
N GLY B 9 -22.15 -5.11 -0.89
CA GLY B 9 -21.90 -5.29 0.53
C GLY B 9 -22.47 -6.61 0.98
N THR B 10 -22.08 -6.98 2.17
CA THR B 10 -22.70 -8.08 2.85
C THR B 10 -23.48 -7.48 4.01
N ALA B 11 -23.99 -8.30 4.87
CA ALA B 11 -24.57 -7.70 6.05
C ALA B 11 -23.57 -7.61 7.19
N ARG B 12 -22.32 -8.00 6.94
CA ARG B 12 -21.19 -7.68 7.81
C ARG B 12 -20.59 -6.33 7.46
N LEU B 13 -20.47 -6.02 6.17
CA LEU B 13 -19.80 -4.79 5.77
C LEU B 13 -20.46 -4.29 4.51
N GLN B 14 -20.82 -3.01 4.50
CA GLN B 14 -21.49 -2.43 3.33
C GLN B 14 -20.64 -1.30 2.80
N LEU B 15 -20.43 -1.28 1.48
CA LEU B 15 -19.88 -0.08 0.87
C LEU B 15 -20.94 1.03 0.94
N VAL B 16 -20.55 2.20 1.40
CA VAL B 16 -21.45 3.32 1.45
C VAL B 16 -21.15 4.32 0.35
N GLU B 17 -19.86 4.57 0.10
CA GLU B 17 -19.48 5.55 -0.92
C GLU B 17 -18.08 5.24 -1.40
N PHE B 18 -17.91 5.22 -2.73
CA PHE B 18 -16.60 5.14 -3.34
C PHE B 18 -16.56 6.17 -4.46
N SER B 19 -15.50 6.95 -4.51
CA SER B 19 -15.41 7.87 -5.63
C SER B 19 -13.95 8.21 -5.88
N ALA B 20 -13.65 8.58 -7.12
CA ALA B 20 -12.35 9.04 -7.54
C ALA B 20 -12.60 10.35 -8.24
N PHE B 21 -11.77 11.36 -7.97
CA PHE B 21 -12.23 12.67 -8.40
C PHE B 21 -11.03 13.58 -8.58
N VAL B 22 -11.30 14.73 -9.16
CA VAL B 22 -10.29 15.77 -9.26
C VAL B 22 -10.96 17.11 -9.00
N GLU B 23 -10.31 17.93 -8.22
CA GLU B 23 -10.70 19.31 -7.98
C GLU B 23 -9.78 20.25 -8.75
N PRO B 24 -10.29 21.29 -9.40
CA PRO B 24 -9.43 22.17 -10.21
C PRO B 24 -8.50 22.99 -9.34
N PRO B 25 -7.36 23.44 -9.90
CA PRO B 25 -6.38 24.20 -9.11
C PRO B 25 -7.00 25.38 -8.39
N ASP B 26 -8.11 25.90 -8.89
CA ASP B 26 -8.76 27.08 -8.30
C ASP B 26 -10.00 26.73 -7.48
N ALA B 27 -10.12 25.48 -7.02
CA ALA B 27 -11.25 25.11 -6.17
C ALA B 27 -11.28 25.89 -4.87
N VAL B 28 -10.14 26.47 -4.47
CA VAL B 28 -10.09 27.31 -3.29
C VAL B 28 -10.84 28.62 -3.52
N ASP B 29 -10.89 29.09 -4.77
CA ASP B 29 -11.69 30.27 -5.09
C ASP B 29 -13.15 29.92 -5.30
N SER B 30 -13.42 28.84 -6.04
CA SER B 30 -14.77 28.36 -6.22
C SER B 30 -14.71 26.84 -6.31
N TYR B 31 -15.46 26.16 -5.43
CA TYR B 31 -15.28 24.74 -5.30
C TYR B 31 -16.06 23.96 -6.35
N GLN B 32 -15.38 23.07 -7.04
CA GLN B 32 -16.03 22.04 -7.83
C GLN B 32 -15.17 20.80 -7.77
N ARG B 33 -15.78 19.65 -8.00
CA ARG B 33 -15.05 18.40 -8.20
C ARG B 33 -15.65 17.68 -9.40
N HIS B 34 -14.78 17.03 -10.14
CA HIS B 34 -15.16 16.15 -11.23
C HIS B 34 -15.06 14.70 -10.78
N LEU B 35 -16.14 13.94 -10.93
CA LEU B 35 -16.14 12.52 -10.56
C LEU B 35 -15.74 11.65 -11.77
N PHE B 36 -14.61 10.96 -11.68
CA PHE B 36 -14.29 9.95 -12.69
C PHE B 36 -15.24 8.76 -12.57
N VAL B 37 -15.36 8.23 -11.35
CA VAL B 37 -16.30 7.16 -11.00
C VAL B 37 -16.86 7.49 -9.63
N HIS B 38 -18.03 6.90 -9.31
CA HIS B 38 -18.75 7.29 -8.10
C HIS B 38 -19.80 6.23 -7.81
N ILE B 39 -19.70 5.57 -6.66
CA ILE B 39 -20.78 4.75 -6.14
C ILE B 39 -21.27 5.37 -4.85
N SER B 40 -22.58 5.60 -4.75
CA SER B 40 -23.18 6.13 -3.54
C SER B 40 -24.35 5.24 -3.14
N GLN B 41 -24.25 4.62 -1.96
CA GLN B 41 -25.27 3.69 -1.49
C GLN B 41 -25.85 4.12 -0.14
N HIS B 42 -26.12 5.41 0.00
CA HIS B 42 -26.85 5.90 1.18
C HIS B 42 -27.90 6.94 0.78
N PRO B 49 -34.73 -4.75 -5.96
CA PRO B 49 -34.50 -6.04 -6.62
C PRO B 49 -33.08 -6.56 -6.41
N PRO B 50 -32.90 -7.88 -6.42
CA PRO B 50 -31.55 -8.45 -6.22
C PRO B 50 -30.63 -8.08 -7.38
N LEU B 51 -29.34 -8.06 -7.09
CA LEU B 51 -28.39 -7.71 -8.13
C LEU B 51 -28.29 -8.83 -9.15
N GLU B 52 -27.95 -8.48 -10.39
CA GLU B 52 -27.65 -9.51 -11.37
C GLU B 52 -26.35 -10.21 -10.99
N SER B 53 -26.13 -11.35 -11.61
CA SER B 53 -24.98 -12.20 -11.32
C SER B 53 -24.11 -12.34 -12.56
N VAL B 54 -22.82 -12.50 -12.32
CA VAL B 54 -21.86 -12.83 -13.36
C VAL B 54 -21.08 -14.04 -12.86
N ASP B 55 -20.95 -15.06 -13.70
CA ASP B 55 -20.11 -16.18 -13.32
C ASP B 55 -18.65 -15.79 -13.41
N VAL B 56 -17.88 -16.23 -12.41
CA VAL B 56 -16.51 -15.77 -12.27
C VAL B 56 -15.65 -16.35 -13.38
N ARG B 57 -14.92 -15.48 -14.10
CA ARG B 57 -13.97 -15.89 -15.13
C ARG B 57 -12.99 -14.74 -15.38
N GLN B 58 -11.69 -15.08 -15.46
CA GLN B 58 -10.61 -14.11 -15.65
C GLN B 58 -10.14 -14.02 -17.11
N LEU B 70 -7.54 -14.39 -7.31
CA LEU B 70 -9.00 -14.34 -7.48
C LEU B 70 -9.60 -15.74 -7.36
N ARG B 71 -9.19 -16.64 -8.27
CA ARG B 71 -9.72 -18.00 -8.23
C ARG B 71 -9.47 -18.64 -6.87
N GLU B 72 -8.29 -18.41 -6.29
CA GLU B 72 -7.99 -18.95 -4.97
C GLU B 72 -8.81 -18.24 -3.91
N LEU B 73 -8.80 -16.89 -3.94
CA LEU B 73 -9.66 -16.10 -3.06
C LEU B 73 -11.10 -16.57 -3.14
N TYR B 74 -11.60 -16.76 -4.36
CA TYR B 74 -13.00 -17.15 -4.50
C TYR B 74 -13.23 -18.55 -3.95
N ASP B 75 -12.30 -19.48 -4.21
CA ASP B 75 -12.39 -20.80 -3.61
C ASP B 75 -12.24 -20.74 -2.11
N ARG B 76 -11.43 -19.80 -1.60
CA ARG B 76 -11.35 -19.60 -0.16
C ARG B 76 -12.69 -19.17 0.41
N GLY B 77 -13.39 -18.28 -0.29
CA GLY B 77 -14.73 -17.90 0.09
C GLY B 77 -14.75 -16.76 1.07
N PRO B 78 -15.95 -16.37 1.52
CA PRO B 78 -17.24 -16.93 1.11
C PRO B 78 -17.81 -16.27 -0.16
N PRO B 79 -18.56 -17.02 -0.98
CA PRO B 79 -18.93 -16.49 -2.31
C PRO B 79 -19.79 -15.23 -2.27
N HIS B 80 -20.55 -15.01 -1.20
CA HIS B 80 -21.41 -13.82 -1.15
C HIS B 80 -20.64 -12.52 -0.93
N ALA B 81 -19.36 -12.60 -0.57
CA ALA B 81 -18.56 -11.40 -0.41
C ALA B 81 -17.97 -10.85 -1.71
N PHE B 82 -18.21 -11.51 -2.85
CA PHE B 82 -17.50 -11.24 -4.09
C PHE B 82 -18.42 -10.50 -5.07
N PHE B 83 -17.91 -9.39 -5.62
CA PHE B 83 -18.68 -8.54 -6.49
C PHE B 83 -17.85 -8.15 -7.70
N LEU B 84 -18.54 -7.84 -8.78
CA LEU B 84 -17.94 -7.20 -9.94
C LEU B 84 -18.62 -5.86 -10.18
N VAL B 85 -17.83 -4.82 -10.36
CA VAL B 85 -18.35 -3.51 -10.73
C VAL B 85 -17.80 -3.16 -12.08
N LYS B 86 -18.69 -2.90 -13.04
CA LYS B 86 -18.30 -2.25 -14.28
C LYS B 86 -18.51 -0.75 -14.12
N PHE B 87 -17.46 0.02 -14.35
CA PHE B 87 -17.54 1.48 -14.41
C PHE B 87 -17.53 1.97 -15.85
N TRP B 88 -18.37 2.97 -16.15
CA TRP B 88 -18.19 3.85 -17.29
C TRP B 88 -17.60 5.15 -16.73
N ALA B 89 -16.31 5.32 -16.92
CA ALA B 89 -15.60 6.44 -16.28
C ALA B 89 -15.82 7.71 -17.08
N ASP B 90 -15.97 8.83 -16.37
CA ASP B 90 -16.13 10.12 -17.02
C ASP B 90 -14.74 10.74 -17.18
N LEU B 91 -14.21 10.74 -18.40
CA LEU B 91 -12.91 11.35 -18.66
C LEU B 91 -13.00 12.70 -19.35
N ASN B 92 -14.12 13.39 -19.21
CA ASN B 92 -14.36 14.69 -19.83
C ASN B 92 -14.26 15.76 -18.74
N TRP B 93 -13.06 16.26 -18.49
CA TRP B 93 -12.90 17.35 -17.50
C TRP B 93 -11.89 18.41 -17.96
N SER B 108 -3.70 19.16 -16.04
CA SER B 108 -2.65 20.16 -15.86
C SER B 108 -2.81 20.89 -14.53
N GLY B 109 -2.80 20.14 -13.44
CA GLY B 109 -2.96 20.70 -12.11
C GLY B 109 -4.21 20.21 -11.42
N GLY B 110 -4.35 20.60 -10.16
CA GLY B 110 -5.47 20.23 -9.33
C GLY B 110 -5.17 19.03 -8.44
N PHE B 111 -6.12 18.72 -7.56
CA PHE B 111 -5.97 17.63 -6.61
C PHE B 111 -6.78 16.44 -7.08
N TYR B 112 -6.13 15.28 -7.19
CA TYR B 112 -6.75 14.02 -7.59
C TYR B 112 -6.86 13.15 -6.37
N GLY B 113 -8.07 12.63 -6.11
CA GLY B 113 -8.32 11.99 -4.84
C GLY B 113 -9.22 10.79 -4.98
N VAL B 114 -9.15 9.93 -3.98
CA VAL B 114 -10.01 8.75 -3.88
C VAL B 114 -10.61 8.74 -2.49
N SER B 115 -11.93 8.54 -2.38
CA SER B 115 -12.59 8.47 -1.08
C SER B 115 -13.41 7.20 -1.00
N SER B 116 -13.35 6.55 0.16
CA SER B 116 -14.06 5.30 0.40
C SER B 116 -14.69 5.35 1.77
N GLN B 117 -15.90 4.81 1.89
CA GLN B 117 -16.57 4.72 3.17
C GLN B 117 -17.35 3.40 3.26
N TYR B 118 -17.14 2.68 4.35
CA TYR B 118 -17.83 1.43 4.65
C TYR B 118 -18.53 1.56 5.98
N GLU B 119 -19.53 0.71 6.19
CA GLU B 119 -20.27 0.68 7.44
C GLU B 119 -20.53 -0.77 7.83
N SER B 120 -20.60 -0.98 9.14
CA SER B 120 -20.85 -2.27 9.72
C SER B 120 -21.56 -2.08 11.06
N LEU B 121 -22.26 -3.13 11.47
CA LEU B 121 -22.77 -3.17 12.82
C LEU B 121 -21.74 -3.68 13.81
N GLU B 122 -20.71 -4.37 13.35
CA GLU B 122 -19.68 -4.89 14.21
C GLU B 122 -18.55 -3.89 14.27
N HIS B 123 -17.95 -3.78 15.45
CA HIS B 123 -16.73 -3.04 15.64
C HIS B 123 -15.58 -3.91 15.15
N MET B 124 -14.88 -3.44 14.12
CA MET B 124 -13.78 -4.17 13.54
C MET B 124 -12.66 -3.18 13.24
N THR B 125 -11.49 -3.71 12.96
CA THR B 125 -10.45 -2.97 12.26
C THR B 125 -10.32 -3.60 10.88
N LEU B 126 -10.32 -2.77 9.84
CA LEU B 126 -10.32 -3.23 8.46
C LEU B 126 -8.93 -3.11 7.86
N THR B 127 -8.54 -4.10 7.08
CA THR B 127 -7.41 -3.94 6.16
C THR B 127 -7.98 -3.90 4.76
N CYS B 128 -7.70 -2.82 4.03
CA CYS B 128 -8.18 -2.65 2.67
CA CYS B 128 -8.17 -2.68 2.66
C CYS B 128 -6.98 -2.74 1.73
N SER B 129 -6.97 -3.71 0.84
CA SER B 129 -5.92 -3.89 -0.15
C SER B 129 -6.51 -3.59 -1.52
N SER B 130 -5.86 -2.70 -2.26
CA SER B 130 -6.28 -2.34 -3.62
C SER B 130 -5.13 -2.73 -4.54
N LYS B 131 -5.44 -3.54 -5.54
CA LYS B 131 -4.43 -4.08 -6.47
C LYS B 131 -4.82 -3.64 -7.87
N VAL B 132 -3.92 -2.93 -8.54
CA VAL B 132 -4.16 -2.44 -9.89
C VAL B 132 -3.39 -3.33 -10.84
N CYS B 133 -4.08 -3.89 -11.84
CA CYS B 133 -3.47 -4.84 -12.76
C CYS B 133 -3.60 -4.29 -14.17
N SER B 134 -2.52 -4.38 -14.94
CA SER B 134 -2.59 -4.03 -16.34
C SER B 134 -2.03 -5.21 -17.12
N PHE B 135 -2.81 -5.73 -18.05
CA PHE B 135 -2.42 -6.91 -18.83
C PHE B 135 -2.19 -8.12 -17.93
N GLY B 136 -3.10 -8.31 -16.96
CA GLY B 136 -3.06 -9.47 -16.09
C GLY B 136 -1.98 -9.46 -15.03
N LYS B 137 -1.05 -8.51 -15.07
CA LYS B 137 0.01 -8.41 -14.07
C LYS B 137 -0.26 -7.25 -13.13
N GLN B 138 0.14 -7.42 -11.87
CA GLN B 138 -0.04 -6.34 -10.89
C GLN B 138 0.98 -5.24 -11.18
N VAL B 139 0.54 -3.99 -11.19
CA VAL B 139 1.45 -2.85 -11.33
C VAL B 139 1.60 -2.11 -10.02
N VAL B 140 0.51 -1.99 -9.26
CA VAL B 140 0.41 -1.18 -8.05
C VAL B 140 -0.40 -1.96 -7.02
N GLU B 141 0.03 -1.90 -5.76
CA GLU B 141 -0.77 -2.40 -4.66
C GLU B 141 -0.72 -1.39 -3.53
N LYS B 142 -1.86 -1.09 -2.93
CA LYS B 142 -1.94 -0.20 -1.77
C LYS B 142 -2.70 -0.91 -0.66
N VAL B 143 -2.14 -0.92 0.55
CA VAL B 143 -2.74 -1.58 1.70
C VAL B 143 -2.87 -0.54 2.80
N GLU B 144 -4.06 -0.45 3.41
CA GLU B 144 -4.32 0.48 4.51
C GLU B 144 -5.17 -0.21 5.55
N THR B 145 -5.02 0.22 6.81
CA THR B 145 -5.90 -0.22 7.88
C THR B 145 -6.75 0.97 8.31
N GLU B 146 -8.02 0.71 8.57
CA GLU B 146 -8.87 1.75 9.12
C GLU B 146 -9.66 1.17 10.28
N ARG B 147 -9.71 1.91 11.36
CA ARG B 147 -10.45 1.49 12.53
C ARG B 147 -11.82 2.14 12.50
N ALA B 148 -12.75 1.49 13.20
CA ALA B 148 -14.15 1.91 13.23
C ALA B 148 -14.28 3.24 13.93
N GLN B 149 -15.17 4.09 13.42
CA GLN B 149 -15.62 5.25 14.16
C GLN B 149 -17.11 5.15 14.45
N LEU B 150 -17.54 5.83 15.49
CA LEU B 150 -18.94 5.84 15.84
C LEU B 150 -19.77 6.60 14.81
N GLU B 151 -21.00 6.17 14.67
CA GLU B 151 -21.96 6.88 13.84
C GLU B 151 -23.31 6.63 14.50
N ASP B 152 -24.35 7.13 13.84
CA ASP B 152 -25.67 7.04 14.41
C ASP B 152 -26.09 5.56 14.46
N GLY B 153 -25.79 4.90 15.57
CA GLY B 153 -26.01 3.47 15.73
C GLY B 153 -24.90 2.51 15.26
N ARG B 154 -24.38 2.72 14.05
CA ARG B 154 -23.47 1.78 13.40
C ARG B 154 -22.04 2.32 13.37
N PHE B 155 -21.10 1.45 12.99
CA PHE B 155 -19.71 1.85 12.82
C PHE B 155 -19.42 2.31 11.40
N VAL B 156 -18.51 3.29 11.30
CA VAL B 156 -18.10 3.84 10.01
C VAL B 156 -16.60 3.71 9.85
N TYR B 157 -16.16 3.41 8.62
CA TYR B 157 -14.76 3.31 8.24
C TYR B 157 -14.56 4.29 7.11
N ARG B 158 -13.80 5.35 7.35
CA ARG B 158 -13.70 6.48 6.45
CA ARG B 158 -13.69 6.47 6.43
C ARG B 158 -12.26 6.57 5.93
N LEU B 159 -12.09 6.40 4.63
CA LEU B 159 -10.81 6.57 3.98
C LEU B 159 -11.01 7.70 2.96
N LEU B 160 -11.13 8.92 3.46
CA LEU B 160 -11.53 10.04 2.62
C LEU B 160 -10.33 10.83 2.10
N ARG B 161 -10.49 11.37 0.90
CA ARG B 161 -9.54 12.31 0.28
C ARG B 161 -8.10 11.78 0.26
N SER B 162 -7.92 10.46 0.07
CA SER B 162 -6.57 9.94 -0.16
C SER B 162 -6.03 10.47 -1.47
N PRO B 163 -4.80 10.95 -1.52
CA PRO B 163 -4.25 11.43 -2.78
C PRO B 163 -4.18 10.27 -3.78
N MET B 164 -4.58 10.52 -5.02
CA MET B 164 -4.59 9.45 -5.99
C MET B 164 -3.15 9.07 -6.34
N CYS B 165 -2.89 7.78 -6.45
CA CYS B 165 -1.55 7.32 -6.85
C CYS B 165 -1.09 8.01 -8.14
N GLU B 166 0.13 8.51 -8.13
CA GLU B 166 0.63 9.26 -9.27
C GLU B 166 0.64 8.40 -10.54
N TYR B 167 0.69 7.07 -10.40
CA TYR B 167 0.51 6.18 -11.56
C TYR B 167 -0.85 6.41 -12.20
N LEU B 168 -1.88 6.53 -11.38
CA LEU B 168 -3.23 6.61 -11.92
C LEU B 168 -3.49 7.99 -12.51
N VAL B 169 -2.99 9.05 -11.86
CA VAL B 169 -3.12 10.40 -12.38
C VAL B 169 -2.50 10.50 -13.76
N ASN B 170 -1.29 9.95 -13.92
CA ASN B 170 -0.63 10.01 -15.20
C ASN B 170 -1.36 9.17 -16.23
N PHE B 171 -1.84 8.00 -15.83
CA PHE B 171 -2.61 7.14 -16.73
C PHE B 171 -3.85 7.85 -17.22
N LEU B 172 -4.58 8.56 -16.31
CA LEU B 172 -5.79 9.26 -16.71
C LEU B 172 -5.46 10.37 -17.69
N HIS B 173 -4.36 11.09 -17.45
CA HIS B 173 -3.99 12.15 -18.38
C HIS B 173 -3.64 11.59 -19.75
N LYS B 174 -2.93 10.45 -19.78
CA LYS B 174 -2.66 9.81 -21.07
C LYS B 174 -3.94 9.34 -21.74
N LEU B 175 -4.81 8.67 -20.98
CA LEU B 175 -6.06 8.16 -21.54
C LEU B 175 -6.90 9.29 -22.14
N ARG B 176 -6.98 10.40 -21.44
CA ARG B 176 -7.87 11.48 -21.82
C ARG B 176 -7.48 12.10 -23.15
N GLN B 177 -6.21 11.96 -23.54
CA GLN B 177 -5.68 12.57 -24.72
C GLN B 177 -5.83 11.69 -25.96
N LEU B 178 -6.18 10.40 -25.81
CA LEU B 178 -6.31 9.51 -26.97
C LEU B 178 -7.33 10.05 -27.95
N PRO B 179 -7.16 9.79 -29.24
CA PRO B 179 -8.00 10.44 -30.25
C PRO B 179 -9.43 9.93 -30.30
N GLU B 180 -9.71 8.76 -29.74
CA GLU B 180 -10.95 8.08 -30.07
C GLU B 180 -11.37 7.30 -28.86
N ARG B 181 -12.67 7.36 -28.54
CA ARG B 181 -13.27 6.61 -27.45
C ARG B 181 -12.96 5.13 -27.55
N TYR B 182 -13.06 4.56 -28.74
CA TYR B 182 -12.84 3.12 -28.86
C TYR B 182 -11.40 2.76 -28.50
N MET B 183 -10.46 3.69 -28.67
CA MET B 183 -9.07 3.41 -28.30
C MET B 183 -8.91 3.42 -26.78
N MET B 184 -9.53 4.37 -26.10
CA MET B 184 -9.54 4.33 -24.64
C MET B 184 -10.11 3.02 -24.14
N ASN B 185 -11.22 2.58 -24.75
CA ASN B 185 -11.83 1.33 -24.30
C ASN B 185 -10.92 0.14 -24.58
N SER B 186 -10.21 0.16 -25.72
CA SER B 186 -9.29 -0.94 -25.99
C SER B 186 -8.20 -0.98 -24.94
N VAL B 187 -7.68 0.19 -24.55
CA VAL B 187 -6.67 0.23 -23.49
C VAL B 187 -7.27 -0.25 -22.18
N LEU B 188 -8.46 0.23 -21.82
CA LEU B 188 -9.02 -0.11 -20.52
C LEU B 188 -9.43 -1.57 -20.42
N GLU B 189 -9.57 -2.26 -21.54
CA GLU B 189 -9.92 -3.67 -21.49
C GLU B 189 -8.86 -4.50 -20.78
N ASN B 190 -7.64 -3.98 -20.69
CA ASN B 190 -6.56 -4.68 -20.03
C ASN B 190 -6.23 -4.12 -18.65
N PHE B 191 -7.13 -3.32 -18.08
CA PHE B 191 -6.89 -2.61 -16.82
C PHE B 191 -7.97 -3.03 -15.83
N THR B 192 -7.57 -3.61 -14.70
CA THR B 192 -8.56 -4.00 -13.69
C THR B 192 -8.02 -3.64 -12.31
N ILE B 193 -8.93 -3.51 -11.36
CA ILE B 193 -8.59 -3.26 -9.96
C ILE B 193 -9.26 -4.32 -9.11
N LEU B 194 -8.52 -4.87 -8.16
CA LEU B 194 -9.08 -5.86 -7.24
C LEU B 194 -8.96 -5.28 -5.83
N GLN B 195 -10.10 -5.11 -5.16
CA GLN B 195 -10.11 -4.55 -3.81
C GLN B 195 -10.52 -5.64 -2.85
N VAL B 196 -9.69 -5.91 -1.84
CA VAL B 196 -9.97 -6.95 -0.87
C VAL B 196 -9.99 -6.33 0.50
N VAL B 197 -11.11 -6.47 1.21
CA VAL B 197 -11.27 -5.94 2.57
C VAL B 197 -11.36 -7.12 3.52
N THR B 198 -10.51 -7.13 4.54
CA THR B 198 -10.45 -8.22 5.50
C THR B 198 -10.60 -7.65 6.90
N ASN B 199 -11.14 -8.47 7.79
CA ASN B 199 -11.09 -8.17 9.22
C ASN B 199 -9.64 -8.36 9.64
N ARG B 200 -8.97 -7.28 10.03
CA ARG B 200 -7.54 -7.40 10.27
C ARG B 200 -7.24 -8.28 11.49
N ASP B 201 -8.16 -8.38 12.45
CA ASP B 201 -7.88 -9.17 13.65
C ASP B 201 -8.21 -10.65 13.47
N THR B 202 -9.22 -11.00 12.67
CA THR B 202 -9.53 -12.40 12.40
C THR B 202 -9.01 -12.89 11.06
N GLN B 203 -8.65 -11.97 10.16
CA GLN B 203 -8.26 -12.23 8.78
C GLN B 203 -9.41 -12.81 7.95
N GLU B 204 -10.64 -12.77 8.46
CA GLU B 204 -11.78 -13.16 7.65
C GLU B 204 -11.93 -12.20 6.48
N LEU B 205 -12.17 -12.74 5.28
CA LEU B 205 -12.46 -11.85 4.18
C LEU B 205 -13.87 -11.31 4.35
N LEU B 206 -14.00 -9.99 4.21
CA LEU B 206 -15.30 -9.34 4.30
C LEU B 206 -15.86 -8.97 2.95
N LEU B 207 -15.02 -8.56 2.01
CA LEU B 207 -15.53 -8.01 0.77
C LEU B 207 -14.43 -8.08 -0.29
N CYS B 208 -14.81 -8.50 -1.49
CA CYS B 208 -13.85 -8.59 -2.58
C CYS B 208 -14.53 -8.09 -3.84
N THR B 209 -14.00 -7.02 -4.43
CA THR B 209 -14.62 -6.39 -5.57
C THR B 209 -13.61 -6.33 -6.71
N ALA B 210 -13.99 -6.82 -7.87
CA ALA B 210 -13.25 -6.63 -9.11
C ALA B 210 -13.87 -5.48 -9.88
N TYR B 211 -13.04 -4.54 -10.30
CA TYR B 211 -13.51 -3.38 -11.06
C TYR B 211 -13.01 -3.52 -12.49
N VAL B 212 -13.90 -3.34 -13.45
CA VAL B 212 -13.49 -3.29 -14.85
C VAL B 212 -14.07 -2.00 -15.41
N PHE B 213 -13.54 -1.56 -16.56
CA PHE B 213 -13.67 -0.16 -16.98
C PHE B 213 -13.92 0.01 -18.48
N GLU B 214 -14.81 0.95 -18.79
CA GLU B 214 -14.96 1.57 -20.11
C GLU B 214 -14.97 3.08 -19.88
N VAL B 215 -14.91 3.85 -20.95
CA VAL B 215 -15.10 5.28 -20.76
C VAL B 215 -16.54 5.60 -21.10
N SER B 216 -17.08 6.60 -20.42
CA SER B 216 -18.41 7.07 -20.77
C SER B 216 -18.34 7.94 -22.03
N THR B 217 -19.40 7.93 -22.84
CA THR B 217 -19.45 8.95 -23.89
C THR B 217 -19.34 10.34 -23.25
N SER B 218 -19.09 11.36 -24.07
CA SER B 218 -18.70 12.63 -23.48
C SER B 218 -19.88 13.31 -22.78
N GLU B 219 -21.12 13.08 -23.25
CA GLU B 219 -22.31 13.73 -22.69
C GLU B 219 -22.86 13.08 -21.42
N ARG B 220 -22.53 11.81 -21.17
CA ARG B 220 -23.01 11.08 -20.02
C ARG B 220 -21.91 11.05 -18.97
N GLY B 221 -22.29 11.35 -17.74
CA GLY B 221 -21.37 11.26 -16.64
C GLY B 221 -21.06 9.81 -16.28
N ALA B 222 -20.41 9.68 -15.14
CA ALA B 222 -19.97 8.38 -14.66
C ALA B 222 -21.18 7.50 -14.37
N GLN B 223 -21.04 6.21 -14.64
CA GLN B 223 -22.10 5.27 -14.29
C GLN B 223 -21.44 3.98 -13.85
N HIS B 224 -22.23 3.11 -13.22
CA HIS B 224 -21.70 1.82 -12.82
C HIS B 224 -22.80 0.80 -12.86
N HIS B 225 -22.40 -0.47 -12.90
CA HIS B 225 -23.29 -1.61 -12.77
C HIS B 225 -22.60 -2.59 -11.84
N ILE B 226 -23.30 -3.03 -10.80
CA ILE B 226 -22.75 -3.93 -9.79
C ILE B 226 -23.35 -5.30 -10.00
N TYR B 227 -22.51 -6.32 -9.96
CA TYR B 227 -22.95 -7.70 -10.14
C TYR B 227 -22.49 -8.53 -8.95
N ARG B 228 -23.30 -9.49 -8.54
CA ARG B 228 -22.77 -10.57 -7.69
C ARG B 228 -21.93 -11.52 -8.53
N LEU B 229 -20.77 -11.90 -8.01
CA LEU B 229 -19.95 -12.95 -8.65
C LEU B 229 -20.32 -14.31 -8.09
N VAL B 230 -20.67 -15.24 -8.98
CA VAL B 230 -21.18 -16.55 -8.58
C VAL B 230 -20.46 -17.65 -9.35
N ARG B 231 -20.66 -18.87 -8.88
CA ARG B 231 -20.11 -20.07 -9.51
C ARG B 231 -21.15 -21.19 -9.51
#